data_1XUE
#
_entry.id   1XUE
#
_cell.length_a   1.000
_cell.length_b   1.000
_cell.length_c   1.000
_cell.angle_alpha   90.00
_cell.angle_beta   90.00
_cell.angle_gamma   90.00
#
_symmetry.space_group_name_H-M   'P 1'
#
_entity_poly.entity_id   1
_entity_poly.type   'polydeoxyribonucleotide'
_entity_poly.pdbx_seq_one_letter_code
;(DG)(DT)(DG)(DG)(DA)(DA)(DT)(DG)(DC)(DA)(DA)(DT)(DG)(DG)(DA)(DA)(DC)
;
_entity_poly.pdbx_strand_id   A
#
loop_
_chem_comp.id
_chem_comp.type
_chem_comp.name
_chem_comp.formula
DA DNA linking 2'-DEOXYADENOSINE-5'-MONOPHOSPHATE 'C10 H14 N5 O6 P'
DC DNA linking 2'-DEOXYCYTIDINE-5'-MONOPHOSPHATE 'C9 H14 N3 O7 P'
DG DNA linking 2'-DEOXYGUANOSINE-5'-MONOPHOSPHATE 'C10 H14 N5 O7 P'
DT DNA linking THYMIDINE-5'-MONOPHOSPHATE 'C10 H15 N2 O8 P'
#